data_3K2N
#
_entry.id   3K2N
#
_cell.length_a   55.121
_cell.length_b   81.250
_cell.length_c   83.522
_cell.angle_alpha   90.00
_cell.angle_beta   90.00
_cell.angle_gamma   90.00
#
_symmetry.space_group_name_H-M   'P 21 21 21'
#
loop_
_entity.id
_entity.type
_entity.pdbx_description
1 polymer 'Sigma-54-dependent transcriptional regulator'
2 water water
#
_entity_poly.entity_id   1
_entity_poly.type   'polypeptide(L)'
_entity_poly.pdbx_seq_one_letter_code
;SNAALKL(MSE)QYIGDAIGTIRDPQELFRTVTDKLRLLFAFDSAVIITIDRERREASVFFE(MSE)LRFELPEQLRHQT
RSIAGTWLEGHLDDRTVTVASIARDIPSFGADGAPLLWTLHELG(MSE)RQIVLSPLRSGGRVIGFLSFVSAEEKLWSDG
DKSLLSGVSSSIAIAVSNALAYEELRQRE
;
_entity_poly.pdbx_strand_id   A,B
#
# COMPACT_ATOMS: atom_id res chain seq x y z
N SER A 1 20.73 -0.41 0.64
CA SER A 1 20.83 0.41 1.84
C SER A 1 19.52 1.16 2.14
N ASN A 2 19.65 2.37 2.67
CA ASN A 2 18.48 3.19 2.97
C ASN A 2 17.87 3.82 1.71
N ALA A 3 18.57 3.69 0.58
CA ALA A 3 18.07 4.24 -0.68
C ALA A 3 16.69 3.67 -1.01
N ALA A 4 16.56 2.34 -0.95
CA ALA A 4 15.28 1.68 -1.23
C ALA A 4 14.25 1.92 -0.15
N LEU A 5 14.73 1.97 1.09
CA LEU A 5 13.91 2.23 2.25
C LEU A 5 13.22 3.57 2.10
N LYS A 6 14.00 4.57 1.67
CA LYS A 6 13.51 5.93 1.59
C LYS A 6 12.55 6.12 0.43
N LEU A 7 12.76 5.37 -0.64
CA LEU A 7 11.89 5.45 -1.79
C LEU A 7 10.51 4.91 -1.44
N MSE A 8 10.49 3.80 -0.72
CA MSE A 8 9.23 3.24 -0.25
C MSE A 8 8.51 4.22 0.70
O MSE A 8 7.35 4.53 0.49
CB MSE A 8 9.46 1.86 0.37
CG MSE A 8 9.96 0.87 -0.71
SE MSE A 8 10.01 -0.94 -0.07
CE MSE A 8 8.09 -1.29 -0.05
N GLN A 9 9.20 4.73 1.70
CA GLN A 9 8.59 5.76 2.52
C GLN A 9 8.04 6.94 1.69
N TYR A 10 8.80 7.40 0.71
CA TYR A 10 8.28 8.45 -0.16
C TYR A 10 6.98 8.07 -0.89
N ILE A 11 6.94 6.88 -1.50
CA ILE A 11 5.74 6.39 -2.16
C ILE A 11 4.58 6.29 -1.16
N GLY A 12 4.85 5.70 -0.01
CA GLY A 12 3.86 5.59 1.04
C GLY A 12 3.25 6.94 1.32
N ASP A 13 4.12 7.90 1.60
CA ASP A 13 3.71 9.27 1.84
C ASP A 13 2.85 9.80 0.68
N ALA A 14 3.35 9.63 -0.55
CA ALA A 14 2.65 10.12 -1.72
C ALA A 14 1.23 9.55 -1.82
N ILE A 15 1.09 8.26 -1.51
CA ILE A 15 -0.20 7.59 -1.58
C ILE A 15 -1.21 8.16 -0.62
N GLY A 16 -0.75 8.42 0.61
CA GLY A 16 -1.64 8.89 1.65
C GLY A 16 -1.87 10.38 1.61
N THR A 17 -1.36 11.03 0.57
CA THR A 17 -1.46 12.48 0.46
C THR A 17 -2.02 12.90 -0.89
N ILE A 18 -1.33 12.58 -1.97
CA ILE A 18 -1.77 13.00 -3.30
C ILE A 18 -3.14 12.43 -3.62
N ARG A 19 -4.07 13.33 -3.92
CA ARG A 19 -5.47 12.96 -4.16
C ARG A 19 -5.76 12.30 -5.51
N ASP A 20 -5.37 12.95 -6.61
CA ASP A 20 -5.65 12.38 -7.93
C ASP A 20 -4.61 11.37 -8.46
N PRO A 21 -5.09 10.26 -9.04
CA PRO A 21 -4.28 9.15 -9.53
C PRO A 21 -3.23 9.53 -10.58
N GLN A 22 -3.62 10.25 -11.61
CA GLN A 22 -2.69 10.52 -12.69
C GLN A 22 -1.44 11.28 -12.23
N GLU A 23 -1.60 12.15 -11.24
CA GLU A 23 -0.44 12.85 -10.72
C GLU A 23 0.29 12.04 -9.64
N LEU A 24 -0.41 11.13 -8.99
CA LEU A 24 0.22 10.23 -8.03
C LEU A 24 1.27 9.43 -8.77
N PHE A 25 0.81 8.74 -9.81
CA PHE A 25 1.62 7.78 -10.53
C PHE A 25 2.73 8.41 -11.37
N ARG A 26 2.55 9.68 -11.75
CA ARG A 26 3.67 10.41 -12.34
C ARG A 26 4.79 10.58 -11.30
N THR A 27 4.41 11.08 -10.13
CA THR A 27 5.38 11.32 -9.07
C THR A 27 6.12 10.04 -8.68
N VAL A 28 5.36 8.95 -8.57
CA VAL A 28 5.93 7.65 -8.23
C VAL A 28 6.88 7.10 -9.32
N THR A 29 6.43 7.11 -10.57
CA THR A 29 7.27 6.71 -11.71
C THR A 29 8.58 7.51 -11.75
N ASP A 30 8.48 8.82 -11.53
CA ASP A 30 9.68 9.65 -11.58
C ASP A 30 10.71 9.23 -10.52
N LYS A 31 10.22 8.96 -9.31
CA LYS A 31 11.10 8.58 -8.21
C LYS A 31 11.70 7.18 -8.38
N LEU A 32 10.94 6.25 -8.94
CA LEU A 32 11.48 4.94 -9.25
C LEU A 32 12.81 5.05 -10.00
N ARG A 33 13.03 6.19 -10.66
CA ARG A 33 14.24 6.39 -11.51
C ARG A 33 15.52 6.59 -10.69
N LEU A 34 15.38 6.69 -9.38
CA LEU A 34 16.53 6.79 -8.51
C LEU A 34 17.12 5.42 -8.23
N LEU A 35 16.27 4.39 -8.23
CA LEU A 35 16.78 3.02 -8.09
C LEU A 35 16.87 2.19 -9.38
N PHE A 36 16.04 2.50 -10.36
CA PHE A 36 15.86 1.56 -11.46
C PHE A 36 16.07 2.28 -12.77
N ALA A 37 16.64 1.56 -13.73
CA ALA A 37 16.88 2.11 -15.06
C ALA A 37 15.85 1.55 -16.06
N PHE A 38 15.26 2.44 -16.86
CA PHE A 38 14.26 2.08 -17.86
C PHE A 38 14.01 3.35 -18.64
N ASP A 39 13.56 3.21 -19.87
CA ASP A 39 13.21 4.36 -20.64
C ASP A 39 11.71 4.67 -20.49
N SER A 40 10.88 3.63 -20.45
CA SER A 40 9.41 3.82 -20.43
C SER A 40 8.71 2.87 -19.48
N ALA A 41 7.71 3.36 -18.76
CA ALA A 41 7.01 2.52 -17.80
C ALA A 41 5.49 2.56 -17.98
N VAL A 42 4.82 1.43 -17.73
CA VAL A 42 3.35 1.39 -17.75
C VAL A 42 2.78 0.49 -16.66
N ILE A 43 1.62 0.88 -16.15
CA ILE A 43 0.88 0.03 -15.26
C ILE A 43 -0.28 -0.51 -16.06
N ILE A 44 -0.38 -1.82 -16.12
CA ILE A 44 -1.44 -2.49 -16.85
C ILE A 44 -2.25 -3.27 -15.84
N THR A 45 -3.56 -3.26 -16.02
CA THR A 45 -4.42 -4.06 -15.17
C THR A 45 -4.94 -5.23 -15.97
N ILE A 46 -5.14 -6.32 -15.26
CA ILE A 46 -5.51 -7.59 -15.85
C ILE A 46 -6.97 -7.98 -15.53
N ASP A 47 -7.70 -8.46 -16.54
CA ASP A 47 -9.02 -9.09 -16.32
C ASP A 47 -8.89 -10.57 -16.69
N ARG A 48 -8.64 -11.43 -15.71
CA ARG A 48 -8.24 -12.79 -16.00
C ARG A 48 -9.31 -13.55 -16.77
N GLU A 49 -10.56 -13.42 -16.33
CA GLU A 49 -11.68 -14.13 -16.94
C GLU A 49 -12.05 -13.62 -18.31
N ARG A 50 -12.03 -12.30 -18.48
CA ARG A 50 -12.28 -11.75 -19.81
C ARG A 50 -11.05 -11.88 -20.71
N ARG A 51 -9.91 -12.25 -20.14
CA ARG A 51 -8.66 -12.41 -20.92
C ARG A 51 -8.32 -11.08 -21.58
N GLU A 52 -8.24 -10.03 -20.78
CA GLU A 52 -8.06 -8.70 -21.30
C GLU A 52 -7.06 -7.90 -20.48
N ALA A 53 -6.46 -6.89 -21.10
CA ALA A 53 -5.55 -6.01 -20.38
C ALA A 53 -5.88 -4.55 -20.63
N SER A 54 -5.80 -3.72 -19.59
CA SER A 54 -6.07 -2.29 -19.76
C SER A 54 -4.88 -1.46 -19.35
N VAL A 55 -4.62 -0.41 -20.11
CA VAL A 55 -3.60 0.55 -19.73
C VAL A 55 -4.13 1.38 -18.58
N PHE A 56 -3.52 1.24 -17.42
CA PHE A 56 -3.98 1.97 -16.26
C PHE A 56 -3.22 3.29 -16.15
N PHE A 57 -1.98 3.28 -16.61
CA PHE A 57 -1.15 4.47 -16.56
C PHE A 57 0.09 4.25 -17.42
N GLU A 58 0.53 5.31 -18.08
CA GLU A 58 1.72 5.22 -18.92
C GLU A 58 2.59 6.47 -18.84
N MSE A 59 3.89 6.25 -19.01
CA MSE A 59 4.84 7.31 -19.22
C MSE A 59 5.79 6.83 -20.32
O MSE A 59 6.82 6.22 -20.04
CB MSE A 59 5.60 7.65 -17.92
CG MSE A 59 6.13 9.10 -17.88
SE MSE A 59 7.11 9.65 -16.28
CE MSE A 59 5.69 9.52 -14.98
N LEU A 60 5.40 7.07 -21.58
CA LEU A 60 6.12 6.58 -22.74
C LEU A 60 7.13 7.56 -23.34
N ARG A 61 8.23 7.03 -23.88
CA ARG A 61 9.19 7.87 -24.58
C ARG A 61 9.17 7.65 -26.09
N PHE A 62 8.40 6.65 -26.49
CA PHE A 62 8.14 6.42 -27.90
C PHE A 62 6.69 6.77 -28.15
N GLU A 63 6.29 6.71 -29.41
CA GLU A 63 4.87 6.72 -29.72
C GLU A 63 4.53 5.57 -30.65
N LEU A 64 3.61 4.73 -30.21
CA LEU A 64 3.15 3.60 -30.99
C LEU A 64 1.97 4.00 -31.89
N PRO A 65 1.69 3.18 -32.94
CA PRO A 65 0.58 3.46 -33.85
C PRO A 65 -0.77 3.33 -33.15
N GLU A 66 -1.82 3.78 -33.84
CA GLU A 66 -3.14 3.91 -33.25
C GLU A 66 -3.84 2.58 -32.96
N GLN A 67 -3.73 1.63 -33.90
CA GLN A 67 -4.37 0.33 -33.73
C GLN A 67 -3.92 -0.34 -32.44
N LEU A 68 -2.66 -0.12 -32.09
CA LEU A 68 -2.08 -0.67 -30.87
C LEU A 68 -2.17 0.35 -29.72
N ARG A 69 -3.04 1.33 -29.89
CA ARG A 69 -3.16 2.40 -28.90
C ARG A 69 -4.47 2.30 -28.14
N HIS A 70 -5.06 1.10 -28.14
CA HIS A 70 -6.30 0.87 -27.42
C HIS A 70 -6.07 0.71 -25.94
N GLN A 71 -6.95 1.30 -25.13
CA GLN A 71 -6.83 1.17 -23.69
C GLN A 71 -7.05 -0.29 -23.22
N THR A 72 -7.92 -1.03 -23.89
CA THR A 72 -8.17 -2.44 -23.56
C THR A 72 -8.12 -3.35 -24.79
N ARG A 73 -7.43 -4.48 -24.64
CA ARG A 73 -7.28 -5.46 -25.71
C ARG A 73 -7.23 -6.87 -25.14
N SER A 74 -7.53 -7.87 -25.97
CA SER A 74 -7.42 -9.26 -25.54
C SER A 74 -5.97 -9.64 -25.36
N ILE A 75 -5.73 -10.55 -24.43
CA ILE A 75 -4.42 -11.14 -24.27
C ILE A 75 -4.54 -12.65 -24.34
N ALA A 76 -5.70 -13.12 -24.81
CA ALA A 76 -5.96 -14.55 -25.00
C ALA A 76 -4.92 -15.21 -25.90
N GLY A 77 -4.18 -16.16 -25.30
CA GLY A 77 -3.14 -16.91 -25.98
C GLY A 77 -1.87 -16.12 -26.24
N THR A 78 -1.73 -14.96 -25.62
CA THR A 78 -0.52 -14.16 -25.84
C THR A 78 0.51 -14.46 -24.77
N TRP A 79 1.74 -14.06 -25.04
CA TRP A 79 2.85 -14.32 -24.13
C TRP A 79 2.54 -13.83 -22.70
N LEU A 80 1.89 -12.68 -22.60
CA LEU A 80 1.63 -12.07 -21.31
C LEU A 80 0.68 -12.92 -20.46
N GLU A 81 -0.27 -13.59 -21.11
CA GLU A 81 -1.27 -14.38 -20.39
C GLU A 81 -0.59 -15.49 -19.60
N GLY A 82 0.61 -15.84 -20.01
CA GLY A 82 1.37 -16.88 -19.34
C GLY A 82 2.06 -16.39 -18.07
N HIS A 83 2.05 -15.09 -17.80
CA HIS A 83 2.64 -14.56 -16.58
C HIS A 83 1.61 -14.25 -15.50
N LEU A 84 0.37 -14.61 -15.76
CA LEU A 84 -0.70 -14.32 -14.83
C LEU A 84 -0.53 -14.89 -13.40
N ASP A 85 0.42 -15.79 -13.20
CA ASP A 85 0.68 -16.37 -11.87
C ASP A 85 2.05 -16.03 -11.28
N ASP A 86 2.73 -15.05 -11.87
CA ASP A 86 4.07 -14.73 -11.43
C ASP A 86 4.16 -14.19 -10.02
N ARG A 87 5.16 -14.69 -9.29
CA ARG A 87 5.52 -14.13 -7.99
C ARG A 87 6.70 -13.16 -8.13
N THR A 88 7.59 -13.38 -9.11
CA THR A 88 8.83 -12.59 -9.20
C THR A 88 8.94 -11.74 -10.46
N VAL A 89 9.94 -10.85 -10.49
CA VAL A 89 10.18 -9.98 -11.66
C VAL A 89 10.68 -10.74 -12.89
N THR A 90 10.27 -10.28 -14.06
CA THR A 90 10.75 -10.84 -15.32
C THR A 90 11.48 -9.78 -16.14
N VAL A 91 12.74 -10.07 -16.47
CA VAL A 91 13.52 -9.24 -17.34
C VAL A 91 13.79 -10.03 -18.59
N ALA A 92 13.24 -9.58 -19.71
CA ALA A 92 13.34 -10.33 -20.95
C ALA A 92 13.82 -9.50 -22.15
N SER A 93 14.70 -10.11 -22.94
CA SER A 93 15.00 -9.62 -24.29
C SER A 93 13.78 -9.86 -25.19
N ILE A 94 13.24 -8.78 -25.76
CA ILE A 94 12.08 -8.83 -26.66
C ILE A 94 12.28 -9.80 -27.81
N ALA A 95 13.45 -9.73 -28.43
CA ALA A 95 13.75 -10.54 -29.61
C ALA A 95 14.32 -11.93 -29.32
N ARG A 96 14.80 -12.18 -28.10
CA ARG A 96 15.34 -13.52 -27.77
C ARG A 96 14.56 -14.30 -26.70
N ASP A 97 14.03 -13.62 -25.69
CA ASP A 97 13.50 -14.30 -24.50
C ASP A 97 12.04 -14.73 -24.56
N ILE A 98 11.33 -14.25 -25.58
CA ILE A 98 9.89 -14.46 -25.75
C ILE A 98 9.54 -15.27 -27.01
N PRO A 99 9.12 -16.54 -26.82
CA PRO A 99 8.85 -17.51 -27.88
C PRO A 99 7.79 -17.04 -28.90
N SER A 100 6.87 -16.19 -28.48
CA SER A 100 5.83 -15.63 -29.37
C SER A 100 6.42 -14.69 -30.42
N PHE A 101 7.51 -14.02 -30.08
CA PHE A 101 8.02 -12.91 -30.90
C PHE A 101 8.00 -13.18 -32.40
N GLY A 102 7.30 -12.30 -33.10
CA GLY A 102 7.20 -12.29 -34.54
C GLY A 102 6.07 -11.32 -34.87
N ALA A 103 5.92 -10.95 -36.14
CA ALA A 103 4.82 -10.09 -36.57
C ALA A 103 3.48 -10.82 -36.44
N ASP A 104 3.58 -12.11 -36.12
CA ASP A 104 2.47 -13.06 -36.06
C ASP A 104 1.45 -12.83 -34.93
N GLY A 105 1.74 -13.39 -33.77
CA GLY A 105 0.83 -13.36 -32.63
C GLY A 105 1.24 -12.36 -31.55
N ALA A 106 2.39 -11.73 -31.77
CA ALA A 106 2.84 -10.67 -30.88
C ALA A 106 3.15 -9.38 -31.67
N PRO A 107 2.12 -8.81 -32.31
CA PRO A 107 2.21 -7.58 -33.10
C PRO A 107 2.79 -6.44 -32.28
N LEU A 108 2.27 -6.28 -31.07
CA LEU A 108 2.78 -5.32 -30.09
C LEU A 108 4.29 -5.45 -29.94
N LEU A 109 4.73 -6.62 -29.51
CA LEU A 109 6.15 -6.91 -29.35
C LEU A 109 6.94 -6.62 -30.61
N TRP A 110 6.34 -6.92 -31.76
CA TRP A 110 7.03 -6.77 -33.02
C TRP A 110 7.22 -5.30 -33.33
N THR A 111 6.19 -4.53 -33.05
CA THR A 111 6.22 -3.09 -33.23
C THR A 111 7.17 -2.43 -32.24
N LEU A 112 7.19 -2.93 -31.00
CA LEU A 112 8.12 -2.38 -30.03
C LEU A 112 9.56 -2.58 -30.48
N HIS A 113 9.83 -3.75 -31.04
CA HIS A 113 11.17 -4.05 -31.49
C HIS A 113 11.49 -3.14 -32.65
N GLU A 114 10.54 -3.04 -33.57
CA GLU A 114 10.58 -2.09 -34.68
C GLU A 114 10.97 -0.68 -34.25
N LEU A 115 10.30 -0.17 -33.22
CA LEU A 115 10.63 1.12 -32.63
C LEU A 115 12.07 1.24 -32.09
N GLY A 116 12.71 0.09 -31.85
CA GLY A 116 14.05 0.07 -31.31
C GLY A 116 14.07 -0.28 -29.83
N MSE A 117 12.96 -0.83 -29.34
CA MSE A 117 12.95 -1.38 -28.00
C MSE A 117 13.57 -2.78 -28.00
O MSE A 117 13.44 -3.53 -28.96
CB MSE A 117 11.52 -1.37 -27.42
CG MSE A 117 10.92 0.01 -27.30
SE MSE A 117 12.02 1.26 -26.29
CE MSE A 117 10.76 1.82 -24.93
N ARG A 118 14.26 -3.13 -26.91
CA ARG A 118 15.07 -4.33 -26.86
C ARG A 118 14.74 -5.17 -25.61
N GLN A 119 14.29 -4.48 -24.57
CA GLN A 119 14.06 -5.12 -23.29
C GLN A 119 12.79 -4.66 -22.59
N ILE A 120 12.10 -5.63 -22.03
CA ILE A 120 10.84 -5.42 -21.35
C ILE A 120 10.93 -6.10 -19.97
N VAL A 121 10.62 -5.35 -18.91
CA VAL A 121 10.58 -5.90 -17.55
C VAL A 121 9.13 -5.99 -17.03
N LEU A 122 8.76 -7.13 -16.44
CA LEU A 122 7.45 -7.31 -15.81
C LEU A 122 7.55 -7.47 -14.30
N SER A 123 6.83 -6.63 -13.57
CA SER A 123 6.77 -6.78 -12.14
C SER A 123 5.30 -6.94 -11.80
N PRO A 124 4.90 -8.17 -11.50
CA PRO A 124 3.52 -8.52 -11.14
C PRO A 124 2.96 -7.70 -9.94
N LEU A 125 1.69 -7.35 -10.03
CA LEU A 125 1.01 -6.65 -8.94
C LEU A 125 -0.04 -7.58 -8.34
N ARG A 126 0.00 -7.75 -7.02
CA ARG A 126 -0.96 -8.62 -6.33
C ARG A 126 -1.87 -7.90 -5.32
N SER A 127 -3.06 -8.46 -5.13
CA SER A 127 -3.96 -8.04 -4.07
C SER A 127 -4.84 -9.23 -3.65
N GLY A 128 -4.92 -9.50 -2.34
CA GLY A 128 -5.77 -10.60 -1.88
C GLY A 128 -5.45 -11.95 -2.53
N GLY A 129 -4.20 -12.10 -2.94
CA GLY A 129 -3.74 -13.33 -3.53
C GLY A 129 -3.83 -13.41 -5.04
N ARG A 130 -4.45 -12.41 -5.65
CA ARG A 130 -4.65 -12.37 -7.10
C ARG A 130 -3.75 -11.34 -7.78
N VAL A 131 -3.12 -11.75 -8.88
CA VAL A 131 -2.47 -10.80 -9.78
C VAL A 131 -3.52 -9.89 -10.40
N ILE A 132 -3.38 -8.58 -10.21
CA ILE A 132 -4.38 -7.64 -10.70
C ILE A 132 -3.82 -6.76 -11.82
N GLY A 133 -2.52 -6.88 -12.07
CA GLY A 133 -1.87 -6.04 -13.06
C GLY A 133 -0.39 -6.27 -13.09
N PHE A 134 0.34 -5.44 -13.84
CA PHE A 134 1.80 -5.45 -13.87
C PHE A 134 2.34 -4.03 -13.95
N LEU A 135 3.46 -3.79 -13.29
CA LEU A 135 4.29 -2.65 -13.61
C LEU A 135 5.31 -3.10 -14.66
N SER A 136 5.46 -2.32 -15.72
CA SER A 136 6.34 -2.76 -16.80
C SER A 136 7.30 -1.66 -17.23
N PHE A 137 8.54 -2.04 -17.55
CA PHE A 137 9.56 -1.14 -18.15
C PHE A 137 9.93 -1.60 -19.54
N VAL A 138 10.26 -0.66 -20.41
CA VAL A 138 10.67 -0.96 -21.77
C VAL A 138 11.81 -0.05 -22.13
N SER A 139 12.82 -0.59 -22.80
CA SER A 139 14.06 0.14 -22.99
C SER A 139 14.76 -0.20 -24.30
N ALA A 140 15.48 0.79 -24.82
CA ALA A 140 16.24 0.64 -26.05
C ALA A 140 17.47 -0.23 -25.80
N GLU A 141 18.04 -0.13 -24.60
CA GLU A 141 19.19 -0.94 -24.25
C GLU A 141 18.79 -2.03 -23.27
N GLU A 142 19.55 -3.13 -23.24
CA GLU A 142 19.26 -4.21 -22.31
C GLU A 142 19.89 -3.88 -20.97
N LYS A 143 19.07 -3.40 -20.05
CA LYS A 143 19.56 -2.96 -18.75
C LYS A 143 19.92 -4.18 -17.93
N LEU A 144 21.08 -4.15 -17.28
CA LEU A 144 21.52 -5.26 -16.44
C LEU A 144 20.75 -5.33 -15.13
N TRP A 145 20.16 -6.49 -14.87
CA TRP A 145 19.35 -6.69 -13.69
C TRP A 145 19.87 -7.85 -12.86
N SER A 146 20.46 -7.54 -11.71
CA SER A 146 20.92 -8.60 -10.82
C SER A 146 19.68 -9.12 -10.08
N ASP A 147 19.84 -10.22 -9.34
CA ASP A 147 18.72 -10.78 -8.57
C ASP A 147 18.25 -9.75 -7.52
N GLY A 148 19.20 -9.00 -6.96
CA GLY A 148 18.93 -8.02 -5.93
C GLY A 148 18.21 -6.79 -6.42
N ASP A 149 18.54 -6.34 -7.63
CA ASP A 149 17.78 -5.30 -8.31
C ASP A 149 16.31 -5.77 -8.40
N LYS A 150 16.15 -7.00 -8.86
CA LYS A 150 14.83 -7.58 -9.04
C LYS A 150 14.05 -7.65 -7.74
N SER A 151 14.72 -7.99 -6.65
CA SER A 151 14.08 -8.04 -5.33
C SER A 151 13.63 -6.68 -4.87
N LEU A 152 14.45 -5.68 -5.14
CA LEU A 152 14.12 -4.32 -4.75
C LEU A 152 12.92 -3.81 -5.55
N LEU A 153 12.88 -4.12 -6.84
CA LEU A 153 11.72 -3.78 -7.65
C LEU A 153 10.44 -4.48 -7.15
N SER A 154 10.51 -5.78 -6.85
CA SER A 154 9.38 -6.47 -6.21
C SER A 154 8.84 -5.72 -5.00
N GLY A 155 9.74 -5.31 -4.12
CA GLY A 155 9.37 -4.66 -2.88
C GLY A 155 8.66 -3.35 -3.15
N VAL A 156 9.25 -2.52 -4.00
CA VAL A 156 8.66 -1.24 -4.34
C VAL A 156 7.31 -1.42 -5.04
N SER A 157 7.21 -2.46 -5.85
CA SER A 157 5.96 -2.80 -6.55
C SER A 157 4.83 -3.18 -5.60
N SER A 158 5.18 -3.74 -4.45
CA SER A 158 4.20 -4.05 -3.41
C SER A 158 3.37 -2.82 -3.14
N SER A 159 4.06 -1.67 -3.15
CA SER A 159 3.46 -0.38 -2.78
C SER A 159 2.53 0.02 -3.88
N ILE A 160 3.03 -0.10 -5.11
CA ILE A 160 2.25 0.27 -6.26
C ILE A 160 0.98 -0.60 -6.38
N ALA A 161 1.14 -1.92 -6.25
CA ALA A 161 -0.03 -2.81 -6.14
C ALA A 161 -1.03 -2.19 -5.20
N ILE A 162 -0.53 -1.77 -4.04
CA ILE A 162 -1.37 -1.14 -3.02
C ILE A 162 -2.19 0.00 -3.61
N ALA A 163 -1.50 1.01 -4.13
CA ALA A 163 -2.11 2.19 -4.72
C ALA A 163 -3.09 1.84 -5.86
N VAL A 164 -2.64 0.99 -6.77
CA VAL A 164 -3.50 0.55 -7.87
C VAL A 164 -4.78 -0.16 -7.39
N SER A 165 -4.69 -1.01 -6.37
CA SER A 165 -5.87 -1.73 -5.87
C SER A 165 -6.89 -0.77 -5.28
N ASN A 166 -6.38 0.32 -4.72
CA ASN A 166 -7.22 1.32 -4.08
C ASN A 166 -8.09 2.01 -5.13
N ALA A 167 -7.42 2.49 -6.17
CA ALA A 167 -8.06 3.09 -7.32
C ALA A 167 -9.13 2.17 -7.93
N LEU A 168 -8.75 0.93 -8.16
CA LEU A 168 -9.65 -0.10 -8.68
C LEU A 168 -10.90 -0.29 -7.85
N ALA A 169 -10.78 -0.10 -6.54
CA ALA A 169 -11.91 -0.26 -5.64
C ALA A 169 -12.81 0.98 -5.69
N TYR A 170 -12.20 2.14 -5.91
CA TYR A 170 -12.96 3.38 -6.09
C TYR A 170 -13.67 3.36 -7.44
N GLU A 171 -13.16 2.57 -8.38
CA GLU A 171 -13.85 2.38 -9.66
C GLU A 171 -15.02 1.42 -9.53
N GLU A 172 -14.76 0.24 -8.99
CA GLU A 172 -15.79 -0.75 -8.76
C GLU A 172 -16.93 -0.17 -7.92
N LEU A 173 -16.59 0.74 -7.01
CA LEU A 173 -17.61 1.40 -6.23
C LEU A 173 -18.39 2.38 -7.09
N ARG A 174 -17.67 3.15 -7.89
CA ARG A 174 -18.31 4.07 -8.84
C ARG A 174 -19.33 3.40 -9.77
N GLN A 175 -18.99 2.24 -10.32
CA GLN A 175 -19.86 1.60 -11.30
C GLN A 175 -20.72 0.48 -10.72
N ARG A 176 -20.88 0.47 -9.40
CA ARG A 176 -21.88 -0.36 -8.75
C ARG A 176 -23.02 0.59 -8.40
N GLU A 177 -22.66 1.87 -8.28
CA GLU A 177 -23.62 2.97 -8.21
C GLU A 177 -22.97 4.17 -7.51
N SER B 1 18.00 0.35 8.28
CA SER B 1 18.68 -0.94 8.21
C SER B 1 18.00 -1.91 7.26
N ASN B 2 18.67 -3.03 6.99
CA ASN B 2 18.09 -4.09 6.19
C ASN B 2 16.81 -4.65 6.80
N ALA B 3 16.75 -4.66 8.14
CA ALA B 3 15.61 -5.21 8.86
C ALA B 3 14.35 -4.37 8.67
N ALA B 4 14.59 -3.08 8.44
CA ALA B 4 13.56 -2.09 8.22
C ALA B 4 12.98 -2.25 6.81
N LEU B 5 13.88 -2.26 5.85
CA LEU B 5 13.52 -2.49 4.45
C LEU B 5 12.72 -3.78 4.32
N LYS B 6 13.24 -4.87 4.89
CA LYS B 6 12.54 -6.14 4.80
C LYS B 6 11.17 -6.05 5.47
N LEU B 7 11.07 -5.28 6.55
CA LEU B 7 9.82 -5.16 7.26
C LEU B 7 8.73 -4.59 6.39
N MSE B 8 9.12 -3.59 5.60
CA MSE B 8 8.20 -2.93 4.65
C MSE B 8 7.85 -3.87 3.53
O MSE B 8 6.69 -4.06 3.20
CB MSE B 8 8.85 -1.68 4.09
CG MSE B 8 9.18 -0.65 5.13
SE MSE B 8 8.52 1.10 4.63
CE MSE B 8 6.68 0.60 4.29
N GLN B 9 8.87 -4.45 2.91
CA GLN B 9 8.66 -5.43 1.86
C GLN B 9 7.76 -6.57 2.34
N TYR B 10 7.98 -7.02 3.57
CA TYR B 10 7.14 -8.07 4.12
C TYR B 10 5.69 -7.63 4.21
N ILE B 11 5.47 -6.42 4.70
CA ILE B 11 4.12 -5.90 4.84
C ILE B 11 3.44 -5.72 3.48
N GLY B 12 4.17 -5.19 2.52
CA GLY B 12 3.64 -5.00 1.17
C GLY B 12 3.23 -6.33 0.57
N ASP B 13 4.06 -7.34 0.80
CA ASP B 13 3.77 -8.69 0.38
C ASP B 13 2.59 -9.32 1.12
N ALA B 14 2.56 -9.23 2.44
CA ALA B 14 1.42 -9.76 3.18
C ALA B 14 0.13 -9.18 2.58
N ILE B 15 0.13 -7.87 2.38
CA ILE B 15 -1.04 -7.18 1.88
C ILE B 15 -1.49 -7.67 0.51
N GLY B 16 -0.53 -7.99 -0.36
CA GLY B 16 -0.88 -8.53 -1.66
C GLY B 16 -1.20 -10.01 -1.75
N THR B 17 -1.00 -10.78 -0.68
CA THR B 17 -1.24 -12.23 -0.74
C THR B 17 -2.38 -12.74 0.18
N ILE B 18 -2.69 -11.98 1.20
CA ILE B 18 -3.57 -12.47 2.24
C ILE B 18 -5.01 -12.02 2.04
N ARG B 19 -5.85 -12.96 1.63
CA ARG B 19 -7.25 -12.68 1.34
C ARG B 19 -8.08 -12.31 2.58
N ASP B 20 -7.87 -13.01 3.69
CA ASP B 20 -8.62 -12.75 4.92
C ASP B 20 -8.05 -11.54 5.67
N PRO B 21 -8.87 -10.49 5.81
CA PRO B 21 -8.50 -9.21 6.44
C PRO B 21 -8.10 -9.35 7.91
N GLN B 22 -8.82 -10.17 8.66
CA GLN B 22 -8.49 -10.32 10.08
C GLN B 22 -7.13 -10.99 10.26
N GLU B 23 -6.86 -12.03 9.49
CA GLU B 23 -5.53 -12.64 9.57
C GLU B 23 -4.45 -11.81 8.87
N LEU B 24 -4.84 -11.02 7.86
CA LEU B 24 -3.93 -10.02 7.32
C LEU B 24 -3.38 -9.10 8.45
N PHE B 25 -4.28 -8.59 9.28
CA PHE B 25 -3.87 -7.66 10.34
C PHE B 25 -3.22 -8.33 11.57
N ARG B 26 -3.63 -9.55 11.89
CA ARG B 26 -2.90 -10.36 12.87
C ARG B 26 -1.44 -10.58 12.43
N THR B 27 -1.27 -10.92 11.16
CA THR B 27 0.04 -11.15 10.58
C THR B 27 0.89 -9.89 10.53
N VAL B 28 0.29 -8.79 10.09
CA VAL B 28 1.05 -7.56 9.95
C VAL B 28 1.43 -7.02 11.33
N THR B 29 0.51 -7.16 12.28
CA THR B 29 0.73 -6.64 13.62
C THR B 29 1.86 -7.36 14.30
N ASP B 30 1.83 -8.68 14.22
CA ASP B 30 2.85 -9.45 14.86
C ASP B 30 4.21 -9.16 14.25
N LYS B 31 4.23 -8.86 12.97
CA LYS B 31 5.52 -8.52 12.37
C LYS B 31 6.01 -7.17 12.87
N LEU B 32 5.09 -6.31 13.27
CA LEU B 32 5.44 -5.00 13.85
C LEU B 32 6.18 -5.10 15.20
N ARG B 33 6.02 -6.23 15.89
CA ARG B 33 6.69 -6.39 17.18
C ARG B 33 8.19 -6.66 17.05
N LEU B 34 8.64 -7.12 15.89
CA LEU B 34 10.07 -7.31 15.71
C LEU B 34 10.84 -5.98 15.72
N LEU B 35 10.19 -4.89 15.30
CA LEU B 35 10.89 -3.60 15.29
C LEU B 35 10.37 -2.63 16.33
N PHE B 36 9.21 -2.94 16.89
CA PHE B 36 8.60 -2.02 17.83
C PHE B 36 8.19 -2.77 19.09
N ALA B 37 8.64 -2.26 20.22
CA ALA B 37 8.38 -2.89 21.49
C ALA B 37 7.17 -2.20 22.11
N PHE B 38 6.04 -2.88 22.13
CA PHE B 38 4.84 -2.29 22.70
C PHE B 38 3.98 -3.36 23.30
N ASP B 39 2.97 -2.95 24.07
CA ASP B 39 2.13 -3.91 24.76
C ASP B 39 1.08 -4.41 23.78
N SER B 40 0.23 -3.48 23.36
CA SER B 40 -0.97 -3.79 22.61
C SER B 40 -1.11 -2.79 21.49
N ALA B 41 -1.81 -3.19 20.42
CA ALA B 41 -2.13 -2.30 19.29
C ALA B 41 -3.61 -2.37 18.86
N VAL B 42 -4.05 -1.30 18.23
CA VAL B 42 -5.41 -1.19 17.75
C VAL B 42 -5.42 -0.45 16.40
N ILE B 43 -6.36 -0.79 15.53
CA ILE B 43 -6.63 0.03 14.34
C ILE B 43 -8.03 0.62 14.45
N ILE B 44 -8.12 1.93 14.36
CA ILE B 44 -9.37 2.63 14.56
C ILE B 44 -9.77 3.34 13.28
N THR B 45 -11.05 3.24 12.93
CA THR B 45 -11.59 4.01 11.82
C THR B 45 -12.31 5.24 12.32
N ILE B 46 -12.11 6.33 11.60
CA ILE B 46 -12.68 7.61 11.97
C ILE B 46 -13.81 7.94 11.03
N ASP B 47 -14.80 8.65 11.58
CA ASP B 47 -15.93 9.21 10.84
C ASP B 47 -16.05 10.67 11.28
N ARG B 48 -15.38 11.56 10.56
CA ARG B 48 -15.20 12.93 10.99
C ARG B 48 -16.52 13.69 11.10
N GLU B 49 -17.44 13.41 10.18
CA GLU B 49 -18.74 14.08 10.20
C GLU B 49 -19.57 13.67 11.42
N ARG B 50 -19.84 12.38 11.58
CA ARG B 50 -20.59 11.87 12.73
C ARG B 50 -19.84 12.02 14.06
N ARG B 51 -18.55 12.35 13.99
CA ARG B 51 -17.71 12.50 15.17
C ARG B 51 -17.57 11.20 16.01
N GLU B 52 -17.30 10.09 15.31
CA GLU B 52 -17.25 8.78 15.94
C GLU B 52 -15.99 8.05 15.51
N ALA B 53 -15.66 6.99 16.24
CA ALA B 53 -14.58 6.09 15.82
C ALA B 53 -14.99 4.66 16.07
N SER B 54 -14.49 3.75 15.24
CA SER B 54 -14.87 2.36 15.38
C SER B 54 -13.60 1.54 15.50
N VAL B 55 -13.65 0.49 16.32
CA VAL B 55 -12.54 -0.43 16.41
C VAL B 55 -12.56 -1.33 15.20
N PHE B 56 -11.47 -1.32 14.45
CA PHE B 56 -11.36 -2.11 13.26
C PHE B 56 -10.56 -3.37 13.56
N PHE B 57 -9.36 -3.19 14.09
CA PHE B 57 -8.56 -4.32 14.53
C PHE B 57 -8.03 -4.10 15.92
N GLU B 58 -7.94 -5.18 16.70
CA GLU B 58 -7.38 -5.12 18.04
C GLU B 58 -6.37 -6.25 18.30
N MSE B 59 -5.30 -5.95 19.02
CA MSE B 59 -4.38 -6.99 19.46
C MSE B 59 -3.88 -6.68 20.87
O MSE B 59 -2.72 -6.32 21.06
CB MSE B 59 -3.19 -7.11 18.52
CG MSE B 59 -2.20 -8.18 18.96
SE MSE B 59 -0.97 -8.76 17.57
CE MSE B 59 -2.18 -9.94 16.61
N LEU B 60 -4.77 -6.82 21.85
CA LEU B 60 -4.48 -6.40 23.20
C LEU B 60 -3.88 -7.51 24.07
N ARG B 61 -3.15 -7.10 25.11
CA ARG B 61 -2.66 -8.04 26.14
C ARG B 61 -3.38 -7.82 27.48
N PHE B 62 -4.57 -7.25 27.40
CA PHE B 62 -5.38 -6.97 28.56
C PHE B 62 -6.82 -6.89 28.13
N GLU B 63 -7.72 -7.03 29.10
CA GLU B 63 -9.13 -6.85 28.84
C GLU B 63 -9.53 -5.42 29.16
N LEU B 64 -10.55 -4.93 28.49
CA LEU B 64 -11.13 -3.65 28.85
C LEU B 64 -12.45 -3.82 29.62
N PRO B 65 -12.76 -2.86 30.50
CA PRO B 65 -14.03 -2.75 31.24
C PRO B 65 -15.24 -2.88 30.31
N GLU B 66 -16.30 -3.55 30.75
CA GLU B 66 -17.49 -3.72 29.93
C GLU B 66 -17.93 -2.45 29.19
N GLN B 67 -17.83 -1.31 29.86
CA GLN B 67 -18.37 -0.05 29.35
C GLN B 67 -17.41 0.69 28.42
N LEU B 68 -16.20 0.15 28.27
CA LEU B 68 -15.22 0.71 27.36
C LEU B 68 -14.98 -0.25 26.20
N ARG B 69 -15.93 -1.15 25.99
CA ARG B 69 -15.71 -2.25 25.06
C ARG B 69 -16.26 -1.98 23.67
N HIS B 70 -17.10 -0.95 23.57
CA HIS B 70 -17.95 -0.72 22.41
C HIS B 70 -17.25 -0.61 21.05
N GLN B 71 -17.83 -1.30 20.08
CA GLN B 71 -17.39 -1.26 18.68
C GLN B 71 -17.29 0.17 18.15
N THR B 72 -18.38 0.91 18.33
CA THR B 72 -18.47 2.29 17.85
C THR B 72 -18.78 3.27 18.99
N ARG B 73 -18.06 4.39 19.01
CA ARG B 73 -18.29 5.40 20.05
C ARG B 73 -17.91 6.84 19.66
N SER B 74 -18.55 7.80 20.32
CA SER B 74 -18.33 9.20 20.02
C SER B 74 -16.93 9.66 20.43
N ILE B 75 -16.34 10.51 19.61
CA ILE B 75 -15.05 11.09 19.92
C ILE B 75 -15.21 12.61 19.92
N ALA B 76 -16.46 13.04 19.84
CA ALA B 76 -16.79 14.44 19.92
C ALA B 76 -16.20 15.03 21.19
N GLY B 77 -15.42 16.10 21.06
CA GLY B 77 -14.81 16.76 22.20
C GLY B 77 -13.70 15.98 22.89
N THR B 78 -13.20 14.95 22.24
CA THR B 78 -12.09 14.17 22.79
C THR B 78 -10.73 14.63 22.26
N TRP B 79 -9.69 14.24 22.98
CA TRP B 79 -8.31 14.48 22.61
C TRP B 79 -7.97 13.83 21.25
N LEU B 80 -8.66 12.75 20.89
CA LEU B 80 -8.46 12.13 19.59
C LEU B 80 -8.96 13.02 18.46
N GLU B 81 -10.07 13.72 18.69
CA GLU B 81 -10.64 14.58 17.67
C GLU B 81 -9.67 15.68 17.23
N GLY B 82 -8.74 16.06 18.11
CA GLY B 82 -7.74 17.05 17.75
C GLY B 82 -6.59 16.55 16.87
N HIS B 83 -6.54 15.25 16.60
CA HIS B 83 -5.45 14.68 15.78
C HIS B 83 -5.91 14.33 14.36
N LEU B 84 -7.13 14.74 14.03
CA LEU B 84 -7.74 14.36 12.75
C LEU B 84 -7.08 14.97 11.49
N ASP B 85 -6.23 15.98 11.68
CA ASP B 85 -5.44 16.56 10.58
C ASP B 85 -3.96 16.12 10.57
N ASP B 86 -3.60 15.22 11.47
CA ASP B 86 -2.19 14.80 11.60
C ASP B 86 -1.58 14.13 10.37
N ARG B 87 -0.40 14.59 9.98
CA ARG B 87 0.36 13.91 8.94
C ARG B 87 1.36 12.92 9.56
N THR B 88 1.90 13.33 10.71
CA THR B 88 3.00 12.64 11.37
C THR B 88 2.57 11.83 12.59
N VAL B 89 3.45 10.91 12.98
CA VAL B 89 3.28 10.10 14.16
C VAL B 89 3.37 10.88 15.48
N THR B 90 2.40 10.67 16.37
CA THR B 90 2.45 11.25 17.70
C THR B 90 2.88 10.22 18.74
N VAL B 91 3.88 10.57 19.54
CA VAL B 91 4.30 9.76 20.70
C VAL B 91 4.07 10.57 21.97
N ALA B 92 3.36 9.99 22.93
CA ALA B 92 2.90 10.77 24.07
C ALA B 92 2.81 9.99 25.36
N SER B 93 3.23 10.65 26.43
CA SER B 93 2.98 10.19 27.79
C SER B 93 1.49 10.40 28.10
N ILE B 94 0.85 9.36 28.61
CA ILE B 94 -0.56 9.43 28.99
C ILE B 94 -0.84 10.43 30.12
N ALA B 95 -0.04 10.41 31.18
CA ALA B 95 -0.30 11.28 32.34
C ALA B 95 0.28 12.69 32.20
N ARG B 96 1.15 12.91 31.22
CA ARG B 96 1.78 14.22 31.10
C ARG B 96 1.44 14.99 29.82
N ASP B 97 1.19 14.30 28.72
CA ASP B 97 1.03 15.01 27.44
C ASP B 97 -0.41 15.25 26.96
N ILE B 98 -1.40 14.77 27.71
CA ILE B 98 -2.76 14.84 27.21
C ILE B 98 -3.71 15.59 28.15
N PRO B 99 -4.10 16.81 27.74
CA PRO B 99 -4.87 17.74 28.60
C PRO B 99 -6.22 17.17 29.03
N SER B 100 -6.76 16.23 28.25
CA SER B 100 -8.05 15.61 28.54
C SER B 100 -7.94 14.60 29.67
N PHE B 101 -6.71 14.21 29.99
CA PHE B 101 -6.46 13.14 30.95
C PHE B 101 -7.02 13.47 32.34
N GLY B 102 -7.68 12.47 32.95
CA GLY B 102 -8.21 12.63 34.29
C GLY B 102 -9.66 13.05 34.31
N ALA B 103 -9.98 14.07 33.52
CA ALA B 103 -11.35 14.53 33.36
C ALA B 103 -12.23 13.38 32.88
N ASP B 104 -13.51 13.44 33.22
CA ASP B 104 -14.46 12.40 32.85
C ASP B 104 -14.67 12.32 31.33
N GLY B 105 -13.96 13.16 30.59
CA GLY B 105 -14.03 13.16 29.13
C GLY B 105 -13.10 12.15 28.48
N ALA B 106 -12.15 11.65 29.27
CA ALA B 106 -11.22 10.60 28.82
C ALA B 106 -11.12 9.44 29.83
N PRO B 107 -12.15 8.57 29.85
CA PRO B 107 -12.23 7.37 30.68
C PRO B 107 -11.39 6.23 30.12
N LEU B 108 -11.21 6.22 28.81
CA LEU B 108 -10.37 5.20 28.19
C LEU B 108 -8.90 5.46 28.52
N LEU B 109 -8.50 6.72 28.41
CA LEU B 109 -7.18 7.13 28.86
C LEU B 109 -6.93 6.67 30.29
N TRP B 110 -7.89 6.96 31.18
CA TRP B 110 -7.77 6.69 32.61
C TRP B 110 -7.56 5.19 32.91
N THR B 111 -8.43 4.36 32.37
CA THR B 111 -8.30 2.91 32.46
C THR B 111 -6.92 2.42 32.02
N LEU B 112 -6.47 2.87 30.84
CA LEU B 112 -5.16 2.50 30.32
C LEU B 112 -4.03 2.79 31.30
N HIS B 113 -4.08 3.99 31.89
CA HIS B 113 -3.11 4.33 32.90
C HIS B 113 -3.27 3.37 34.07
N GLU B 114 -4.51 3.23 34.51
CA GLU B 114 -4.88 2.33 35.59
C GLU B 114 -4.30 0.94 35.29
N LEU B 115 -4.50 0.52 34.05
CA LEU B 115 -3.99 -0.75 33.54
C LEU B 115 -2.48 -0.77 33.45
N GLY B 116 -1.84 0.37 33.70
CA GLY B 116 -0.39 0.43 33.70
C GLY B 116 0.28 0.79 32.38
N MSE B 117 -0.48 1.39 31.46
CA MSE B 117 0.10 1.96 30.25
C MSE B 117 0.55 3.39 30.56
O MSE B 117 -0.05 4.07 31.39
CB MSE B 117 -0.89 1.98 29.09
CG MSE B 117 -1.32 0.61 28.59
SE MSE B 117 0.10 -0.69 28.25
CE MSE B 117 0.13 -1.55 29.98
N ARG B 118 1.62 3.82 29.88
CA ARG B 118 2.27 5.08 30.19
C ARG B 118 2.57 5.87 28.93
N GLN B 119 2.77 5.14 27.84
CA GLN B 119 3.04 5.78 26.57
C GLN B 119 2.11 5.27 25.49
N ILE B 120 1.63 6.17 24.65
CA ILE B 120 0.75 5.79 23.56
C ILE B 120 1.24 6.45 22.29
N VAL B 121 1.16 5.75 21.16
CA VAL B 121 1.58 6.41 19.94
C VAL B 121 0.48 6.39 18.92
N LEU B 122 0.27 7.53 18.28
CA LEU B 122 -0.70 7.68 17.20
C LEU B 122 -0.01 7.71 15.84
N SER B 123 -0.51 6.89 14.93
CA SER B 123 0.00 6.91 13.59
C SER B 123 -1.19 7.11 12.67
N PRO B 124 -1.31 8.31 12.12
CA PRO B 124 -2.43 8.62 11.23
C PRO B 124 -2.45 7.71 10.01
N LEU B 125 -3.64 7.26 9.66
CA LEU B 125 -3.88 6.40 8.50
C LEU B 125 -4.53 7.27 7.42
N ARG B 126 -3.84 7.39 6.28
CA ARG B 126 -4.15 8.44 5.33
C ARG B 126 -4.24 7.93 3.90
N SER B 127 -5.32 8.35 3.25
CA SER B 127 -5.59 8.00 1.86
C SER B 127 -6.00 9.28 1.16
N GLY B 128 -5.21 9.70 0.17
CA GLY B 128 -5.47 10.92 -0.58
C GLY B 128 -5.76 12.15 0.27
N GLY B 129 -4.86 12.43 1.22
CA GLY B 129 -4.90 13.65 2.01
C GLY B 129 -5.79 13.61 3.24
N ARG B 130 -6.75 12.70 3.25
CA ARG B 130 -7.69 12.64 4.35
C ARG B 130 -7.30 11.54 5.31
N VAL B 131 -7.43 11.82 6.61
CA VAL B 131 -7.20 10.81 7.64
C VAL B 131 -8.42 9.93 7.81
N ILE B 132 -8.28 8.64 7.55
CA ILE B 132 -9.41 7.75 7.65
C ILE B 132 -9.45 7.02 8.98
N GLY B 133 -8.30 6.96 9.64
CA GLY B 133 -8.16 6.26 10.89
C GLY B 133 -6.78 6.41 11.52
N PHE B 134 -6.50 5.59 12.53
CA PHE B 134 -5.24 5.62 13.26
C PHE B 134 -4.79 4.20 13.57
N LEU B 135 -3.48 3.99 13.47
CA LEU B 135 -2.87 2.85 14.11
C LEU B 135 -2.32 3.40 15.43
N SER B 136 -2.46 2.63 16.51
CA SER B 136 -2.06 3.07 17.85
C SER B 136 -1.44 1.95 18.71
N PHE B 137 -0.43 2.31 19.49
CA PHE B 137 0.31 1.40 20.33
C PHE B 137 0.22 1.86 21.77
N VAL B 138 0.24 0.92 22.71
CA VAL B 138 0.44 1.29 24.10
C VAL B 138 1.53 0.45 24.73
N SER B 139 2.27 1.06 25.65
CA SER B 139 3.34 0.37 26.36
C SER B 139 3.33 0.85 27.80
N ALA B 140 3.79 0.00 28.70
CA ALA B 140 3.91 0.41 30.09
C ALA B 140 5.17 1.28 30.21
N GLU B 141 6.22 0.92 29.47
CA GLU B 141 7.46 1.69 29.46
C GLU B 141 7.44 2.81 28.40
N GLU B 142 7.99 3.96 28.76
CA GLU B 142 8.11 5.07 27.83
C GLU B 142 9.43 5.01 27.02
N LYS B 143 9.40 4.24 25.93
CA LYS B 143 10.56 4.05 25.06
C LYS B 143 10.87 5.33 24.26
N LEU B 144 12.14 5.53 23.88
CA LEU B 144 12.53 6.65 23.01
C LEU B 144 12.13 6.36 21.57
N TRP B 145 11.38 7.29 20.97
CA TRP B 145 11.06 7.16 19.55
C TRP B 145 11.88 8.12 18.71
N SER B 146 12.89 7.57 18.06
CA SER B 146 13.74 8.34 17.17
C SER B 146 12.90 8.81 15.98
N ASP B 147 13.46 9.75 15.23
CA ASP B 147 12.82 10.22 14.00
C ASP B 147 12.74 9.08 12.97
N GLY B 148 13.83 8.32 12.88
CA GLY B 148 13.88 7.13 12.03
C GLY B 148 12.84 6.08 12.41
N ASP B 149 12.65 5.85 13.70
CA ASP B 149 11.53 5.03 14.21
C ASP B 149 10.19 5.53 13.71
N LYS B 150 9.98 6.83 13.85
CA LYS B 150 8.73 7.44 13.45
C LYS B 150 8.49 7.40 11.95
N SER B 151 9.55 7.64 11.16
CA SER B 151 9.45 7.47 9.69
C SER B 151 9.06 6.05 9.27
N LEU B 152 9.70 5.06 9.90
CA LEU B 152 9.37 3.67 9.63
C LEU B 152 7.91 3.40 9.91
N LEU B 153 7.44 3.84 11.06
CA LEU B 153 6.05 3.69 11.44
C LEU B 153 5.14 4.39 10.43
N SER B 154 5.54 5.58 10.02
CA SER B 154 4.76 6.31 9.03
C SER B 154 4.67 5.54 7.72
N GLY B 155 5.82 5.20 7.15
CA GLY B 155 5.86 4.51 5.85
C GLY B 155 5.03 3.24 5.85
N VAL B 156 5.16 2.46 6.91
CA VAL B 156 4.42 1.22 7.03
C VAL B 156 2.94 1.48 7.27
N SER B 157 2.64 2.56 7.98
CA SER B 157 1.25 2.92 8.18
C SER B 157 0.55 3.26 6.89
N SER B 158 1.33 3.73 5.92
CA SER B 158 0.80 4.12 4.63
C SER B 158 0.10 2.96 3.97
N SER B 159 0.78 1.82 3.97
CA SER B 159 0.31 0.61 3.34
C SER B 159 -0.91 0.06 4.08
N ILE B 160 -0.86 0.15 5.41
CA ILE B 160 -1.95 -0.29 6.25
C ILE B 160 -3.17 0.61 6.07
N ALA B 161 -2.93 1.88 5.74
CA ALA B 161 -4.03 2.80 5.44
C ALA B 161 -4.84 2.30 4.25
N ILE B 162 -4.15 1.89 3.21
CA ILE B 162 -4.81 1.45 1.99
C ILE B 162 -5.39 0.05 2.15
N ALA B 163 -4.77 -0.79 2.94
CA ALA B 163 -5.36 -2.09 3.28
C ALA B 163 -6.73 -1.95 3.97
N VAL B 164 -6.83 -1.03 4.92
CA VAL B 164 -8.08 -0.82 5.62
C VAL B 164 -9.10 -0.10 4.74
N SER B 165 -8.66 0.94 4.04
CA SER B 165 -9.49 1.60 3.03
C SER B 165 -10.13 0.57 2.10
N ASN B 166 -9.33 -0.35 1.60
CA ASN B 166 -9.80 -1.38 0.67
C ASN B 166 -10.82 -2.29 1.33
N ALA B 167 -10.61 -2.58 2.61
CA ALA B 167 -11.46 -3.51 3.30
C ALA B 167 -12.85 -2.89 3.42
N LEU B 168 -12.88 -1.61 3.78
CA LEU B 168 -14.10 -0.83 3.87
C LEU B 168 -14.83 -0.71 2.53
N ALA B 169 -14.07 -0.68 1.43
CA ALA B 169 -14.67 -0.63 0.10
C ALA B 169 -15.40 -1.94 -0.23
N TYR B 170 -14.69 -3.05 -0.07
CA TYR B 170 -15.27 -4.38 -0.26
C TYR B 170 -16.49 -4.64 0.63
N GLU B 171 -16.51 -4.01 1.80
CA GLU B 171 -17.61 -4.19 2.73
C GLU B 171 -18.86 -3.53 2.18
N GLU B 172 -18.69 -2.30 1.73
CA GLU B 172 -19.76 -1.54 1.10
C GLU B 172 -20.22 -2.33 -0.13
N LEU B 173 -19.24 -2.76 -0.92
CA LEU B 173 -19.49 -3.51 -2.14
C LEU B 173 -20.35 -4.75 -1.92
N ARG B 174 -20.18 -5.43 -0.79
CA ARG B 174 -20.96 -6.65 -0.56
C ARG B 174 -22.32 -6.34 0.02
N GLN B 175 -22.55 -5.08 0.34
CA GLN B 175 -23.88 -4.64 0.74
C GLN B 175 -24.68 -4.24 -0.50
N ARG B 176 -24.04 -3.54 -1.42
CA ARG B 176 -24.66 -3.16 -2.67
C ARG B 176 -24.95 -4.37 -3.55
N GLU B 177 -24.36 -5.51 -3.19
CA GLU B 177 -24.58 -6.74 -3.93
C GLU B 177 -26.04 -7.18 -3.80
#